data_4AK3
#
_entry.id   4AK3
#
_cell.length_a   86.047
_cell.length_b   86.047
_cell.length_c   72.952
_cell.angle_alpha   90.00
_cell.angle_beta   90.00
_cell.angle_gamma   120.00
#
_symmetry.space_group_name_H-M   'P 3 2 1'
#
loop_
_entity.id
_entity.type
_entity.pdbx_description
1 polymer 'COLLAGEN ALPHA-1(III) CHAIN'
2 non-polymer 'CALCIUM ION'
3 water water
#
_entity_poly.entity_id   1
_entity_poly.type   'polypeptide(L)'
_entity_poly.pdbx_seq_one_letter_code
;ETGHHHHHHSADEPMDFKINTDEIMTSLKSVNGQIESLISPDGSRKNPARNCRDLKFCHPELKSGEYWVDPNQGCKLDAI
KVFCNMETGETCISANPLNVPRKHWWTDSSAEKKHVWFGESMDGGFQFSYGNPELPEDVLDVQLAFLRLLSSRASQQITY
HCKNSIAYMDQASGNVKKALKLMGSNEGEFKAEGNSKFTYTVLEDGCTKHTGEWSKTVFEYRTRKAVRLPIVDIAPYDIG
GPDQEFGVDVGPVCFL
;
_entity_poly.pdbx_strand_id   A
#
loop_
_chem_comp.id
_chem_comp.type
_chem_comp.name
_chem_comp.formula
CA non-polymer 'CALCIUM ION' 'Ca 2'
#
# COMPACT_ATOMS: atom_id res chain seq x y z
N MET A 25 -23.77 35.25 24.54
CA MET A 25 -23.79 35.21 23.05
C MET A 25 -22.55 34.49 22.52
N THR A 26 -21.42 34.70 23.18
CA THR A 26 -20.17 34.04 22.80
C THR A 26 -20.29 32.53 22.93
N SER A 27 -20.94 32.08 24.01
CA SER A 27 -21.15 30.66 24.23
C SER A 27 -22.01 30.07 23.11
N LEU A 28 -23.04 30.81 22.72
CA LEU A 28 -23.93 30.40 21.64
C LEU A 28 -23.15 30.28 20.33
N LYS A 29 -22.25 31.24 20.11
CA LYS A 29 -21.41 31.24 18.92
C LYS A 29 -20.51 30.00 18.90
N SER A 30 -19.97 29.67 20.07
CA SER A 30 -19.09 28.51 20.21
C SER A 30 -19.84 27.21 19.95
N VAL A 31 -21.08 27.14 20.44
CA VAL A 31 -21.91 25.96 20.26
C VAL A 31 -22.26 25.77 18.79
N ASN A 32 -22.66 26.85 18.14
CA ASN A 32 -23.10 26.71 16.78
C ASN A 32 -21.99 26.21 15.88
N GLY A 33 -20.80 26.77 16.06
CA GLY A 33 -19.66 26.32 15.28
C GLY A 33 -19.39 24.87 15.59
N GLN A 34 -19.52 24.52 16.86
CA GLN A 34 -19.24 23.16 17.28
C GLN A 34 -20.20 22.22 16.59
N ILE A 35 -21.46 22.62 16.53
CA ILE A 35 -22.49 21.81 15.92
C ILE A 35 -22.21 21.66 14.43
N GLU A 36 -21.79 22.74 13.78
CA GLU A 36 -21.53 22.69 12.37
C GLU A 36 -20.42 21.70 12.14
N SER A 37 -19.42 21.71 13.01
CA SER A 37 -18.31 20.80 12.84
C SER A 37 -18.86 19.39 12.86
N LEU A 38 -19.83 19.15 13.73
CA LEU A 38 -20.40 17.81 13.87
C LEU A 38 -21.07 17.32 12.61
N ILE A 39 -21.86 18.19 12.00
CA ILE A 39 -22.55 17.85 10.76
C ILE A 39 -21.54 17.59 9.67
N SER A 40 -20.54 18.43 9.57
CA SER A 40 -19.45 18.18 8.66
C SER A 40 -18.14 18.29 9.38
N PRO A 41 -17.37 17.22 9.38
CA PRO A 41 -16.03 17.29 9.93
C PRO A 41 -15.17 18.02 8.94
N ASP A 42 -14.00 18.48 9.40
CA ASP A 42 -13.10 19.21 8.54
C ASP A 42 -11.77 18.50 8.34
N GLY A 43 -11.69 17.22 8.64
CA GLY A 43 -10.46 16.45 8.40
C GLY A 43 -9.32 16.54 9.42
N SER A 44 -9.45 17.42 10.41
CA SER A 44 -8.38 17.61 11.39
C SER A 44 -8.40 16.55 12.47
N ARG A 45 -7.30 16.39 13.20
CA ARG A 45 -7.23 15.30 14.16
C ARG A 45 -8.43 15.44 15.08
N LYS A 46 -8.79 16.69 15.36
CA LYS A 46 -9.89 17.00 16.26
C LYS A 46 -11.27 16.76 15.65
N ASN A 47 -11.39 16.95 14.33
CA ASN A 47 -12.65 16.85 13.60
C ASN A 47 -12.55 16.01 12.32
N PRO A 48 -12.24 14.71 12.45
CA PRO A 48 -12.04 13.86 11.26
C PRO A 48 -13.33 13.50 10.54
N ALA A 49 -13.20 13.10 9.27
CA ALA A 49 -14.36 12.62 8.48
C ALA A 49 -14.21 11.16 8.02
N ARG A 50 -15.30 10.53 7.57
CA ARG A 50 -15.35 9.09 7.29
C ARG A 50 -14.35 8.53 6.23
N ASN A 51 -14.32 9.15 5.05
CA ASN A 51 -13.34 8.84 4.04
C ASN A 51 -12.83 10.15 3.44
N CYS A 52 -11.64 10.15 2.86
CA CYS A 52 -11.24 11.29 2.02
C CYS A 52 -12.38 11.63 1.06
N ARG A 53 -13.03 10.63 0.52
CA ARG A 53 -14.04 10.93 -0.49
C ARG A 53 -15.15 11.83 0.04
N ASP A 54 -15.62 11.57 1.23
CA ASP A 54 -16.63 12.45 1.81
C ASP A 54 -16.05 13.83 2.06
N LEU A 55 -14.86 13.87 2.67
CA LEU A 55 -14.23 15.16 2.95
C LEU A 55 -14.31 15.91 1.63
N LYS A 56 -14.00 15.22 0.53
CA LYS A 56 -14.07 15.78 -0.81
C LYS A 56 -15.50 16.16 -1.11
N PHE A 57 -16.42 15.30 -0.74
CA PHE A 57 -17.81 15.57 -1.01
C PHE A 57 -18.37 16.77 -0.25
N CYS A 58 -18.01 16.86 1.02
CA CYS A 58 -18.55 17.92 1.86
C CYS A 58 -17.68 19.15 1.93
N HIS A 59 -16.48 19.01 1.42
CA HIS A 59 -15.49 20.09 1.32
C HIS A 59 -14.86 19.98 -0.03
N PRO A 60 -15.61 20.41 -1.06
CA PRO A 60 -15.16 20.26 -2.42
C PRO A 60 -13.84 20.94 -2.67
N GLU A 61 -13.67 22.11 -2.05
CA GLU A 61 -12.47 22.92 -2.25
C GLU A 61 -11.19 22.28 -1.71
N LEU A 62 -11.23 21.70 -0.51
CA LEU A 62 -9.97 21.30 0.13
C LEU A 62 -9.03 20.57 -0.83
N LYS A 63 -7.77 20.97 -0.81
CA LYS A 63 -6.73 20.40 -1.69
C LYS A 63 -6.08 19.12 -1.18
N SER A 64 -5.54 18.32 -2.10
CA SER A 64 -4.96 17.08 -1.66
C SER A 64 -3.92 17.46 -0.63
N GLY A 65 -3.97 16.80 0.51
CA GLY A 65 -2.98 17.00 1.58
C GLY A 65 -3.18 15.99 2.70
N GLU A 66 -2.25 15.92 3.65
CA GLU A 66 -2.47 15.08 4.82
C GLU A 66 -3.74 15.55 5.55
N TYR A 67 -4.66 14.60 5.76
CA TYR A 67 -5.92 14.85 6.47
C TYR A 67 -6.27 13.71 7.42
N TRP A 68 -7.13 13.95 8.40
CA TRP A 68 -7.48 12.92 9.37
C TRP A 68 -8.85 12.41 9.13
N VAL A 69 -8.94 11.12 8.80
CA VAL A 69 -10.22 10.47 8.54
C VAL A 69 -10.41 9.35 9.56
N ASP A 70 -11.66 9.08 9.95
CA ASP A 70 -12.01 8.05 10.94
C ASP A 70 -13.08 7.11 10.38
N PRO A 71 -12.67 6.02 9.73
CA PRO A 71 -13.58 5.13 9.01
C PRO A 71 -14.65 4.43 9.86
N ASN A 72 -14.29 3.93 11.04
CA ASN A 72 -15.25 3.29 11.90
C ASN A 72 -16.09 4.27 12.68
N GLN A 73 -15.84 5.54 12.41
CA GLN A 73 -16.60 6.62 13.00
C GLN A 73 -16.63 6.44 14.50
N GLY A 74 -17.84 6.48 15.07
CA GLY A 74 -18.05 6.37 16.49
C GLY A 74 -17.13 7.34 17.20
N CYS A 75 -16.40 6.85 18.20
CA CYS A 75 -15.39 7.65 18.91
C CYS A 75 -14.48 8.30 17.91
N LYS A 76 -14.11 9.55 18.20
CA LYS A 76 -13.35 10.33 17.24
C LYS A 76 -11.84 10.25 17.51
N LEU A 77 -11.48 9.68 18.65
CA LEU A 77 -10.12 9.81 19.16
C LEU A 77 -9.16 8.77 18.54
N ASP A 78 -9.68 7.91 17.66
CA ASP A 78 -8.86 6.86 17.03
C ASP A 78 -8.77 6.91 15.49
N ALA A 79 -8.93 8.10 14.92
CA ALA A 79 -8.78 8.32 13.49
C ALA A 79 -7.37 8.09 13.05
N ILE A 80 -7.16 8.21 11.75
CA ILE A 80 -5.87 7.89 11.15
C ILE A 80 -5.48 8.96 10.15
N LYS A 81 -4.18 9.25 10.14
CA LYS A 81 -3.62 10.21 9.26
C LYS A 81 -3.41 9.49 7.91
N VAL A 82 -4.18 9.94 6.92
CA VAL A 82 -4.16 9.38 5.59
C VAL A 82 -3.68 10.47 4.64
N PHE A 83 -3.43 10.16 3.38
CA PHE A 83 -3.32 11.19 2.33
C PHE A 83 -4.57 11.13 1.48
N CYS A 84 -5.21 12.29 1.30
CA CYS A 84 -6.36 12.40 0.41
C CYS A 84 -5.95 12.84 -0.98
N ASN A 85 -6.18 11.99 -1.96
CA ASN A 85 -6.05 12.42 -3.32
C ASN A 85 -7.37 13.08 -3.63
N MET A 86 -7.52 14.33 -3.22
CA MET A 86 -8.82 15.02 -3.32
C MET A 86 -9.36 15.26 -4.72
N GLU A 87 -8.59 14.85 -5.72
CA GLU A 87 -9.02 14.77 -7.11
C GLU A 87 -9.88 13.54 -7.36
N THR A 88 -9.44 12.38 -6.86
CA THR A 88 -10.06 11.08 -7.10
C THR A 88 -10.99 10.68 -5.95
N GLY A 89 -10.77 11.22 -4.77
CA GLY A 89 -11.57 10.90 -3.59
C GLY A 89 -11.03 9.68 -2.89
N GLU A 90 -9.88 9.21 -3.40
CA GLU A 90 -9.11 8.09 -2.85
C GLU A 90 -8.58 8.42 -1.49
N THR A 91 -8.56 7.44 -0.61
CA THR A 91 -7.94 7.60 0.69
C THR A 91 -6.72 6.73 0.66
N CYS A 92 -5.56 7.33 0.93
CA CYS A 92 -4.31 6.62 0.74
C CYS A 92 -3.48 6.52 1.98
N ILE A 93 -3.35 5.29 2.48
CA ILE A 93 -2.59 5.03 3.69
C ILE A 93 -1.17 4.69 3.35
N SER A 94 -0.25 5.51 3.85
CA SER A 94 1.15 5.24 3.68
C SER A 94 1.43 4.06 4.58
N ALA A 95 2.30 3.18 4.12
CA ALA A 95 2.57 1.98 4.88
C ALA A 95 3.83 2.16 5.69
N ASN A 96 3.77 1.77 6.95
CA ASN A 96 4.92 1.87 7.83
C ASN A 96 5.44 0.50 8.20
N PRO A 97 6.76 0.31 8.03
CA PRO A 97 7.65 1.33 7.48
C PRO A 97 7.50 1.45 5.96
N LEU A 98 7.91 2.59 5.40
CA LEU A 98 7.73 2.86 3.97
C LEU A 98 8.59 2.00 3.05
N ASN A 99 9.84 1.77 3.43
CA ASN A 99 10.79 1.11 2.53
C ASN A 99 11.63 -0.01 3.13
N VAL A 100 12.09 -0.91 2.26
CA VAL A 100 13.07 -1.92 2.64
C VAL A 100 14.36 -1.57 1.91
N PRO A 101 15.47 -1.49 2.66
CA PRO A 101 16.71 -0.99 2.07
C PRO A 101 17.34 -1.94 1.08
N ARG A 102 18.24 -1.39 0.26
CA ARG A 102 19.01 -2.16 -0.71
C ARG A 102 20.06 -3.02 0.04
N LYS A 103 20.12 -4.31 -0.32
CA LYS A 103 21.04 -5.26 0.28
C LYS A 103 20.97 -6.56 -0.53
N HIS A 104 22.01 -7.39 -0.45
CA HIS A 104 21.98 -8.75 -1.00
C HIS A 104 21.45 -9.65 0.10
N TRP A 105 20.12 -9.81 0.11
CA TRP A 105 19.35 -10.22 1.28
C TRP A 105 19.27 -11.71 1.47
N TRP A 106 19.64 -12.46 0.43
CA TRP A 106 19.46 -13.91 0.44
C TRP A 106 20.57 -14.71 -0.20
N THR A 107 20.68 -15.97 0.23
CA THR A 107 21.67 -16.91 -0.30
C THR A 107 21.32 -17.40 -1.71
N ASP A 108 22.35 -17.83 -2.45
CA ASP A 108 22.17 -18.32 -3.83
C ASP A 108 22.53 -19.80 -4.06
N SER A 109 22.57 -20.59 -2.99
CA SER A 109 23.20 -21.91 -3.02
C SER A 109 22.62 -22.90 -4.04
N SER A 110 21.29 -22.99 -4.11
CA SER A 110 20.67 -23.95 -5.02
C SER A 110 20.90 -23.54 -6.47
N ALA A 111 21.20 -24.52 -7.32
CA ALA A 111 21.35 -24.23 -8.74
C ALA A 111 20.03 -23.66 -9.21
N GLU A 112 18.95 -24.30 -8.78
CA GLU A 112 17.62 -23.79 -8.97
C GLU A 112 17.45 -22.57 -8.07
N LYS A 113 16.71 -21.58 -8.54
CA LYS A 113 16.38 -20.41 -7.75
C LYS A 113 14.89 -20.51 -7.45
N LYS A 114 14.52 -20.27 -6.20
CA LYS A 114 13.11 -20.43 -5.78
C LYS A 114 12.56 -19.20 -5.06
N HIS A 115 11.23 -19.06 -5.09
CA HIS A 115 10.57 -17.93 -4.45
C HIS A 115 10.79 -17.93 -2.96
N VAL A 116 10.99 -16.74 -2.41
CA VAL A 116 11.20 -16.59 -0.99
C VAL A 116 10.31 -15.48 -0.47
N TRP A 117 9.79 -15.65 0.72
CA TRP A 117 9.00 -14.60 1.34
C TRP A 117 9.90 -13.78 2.21
N PHE A 118 10.12 -12.54 1.80
CA PHE A 118 10.90 -11.60 2.59
C PHE A 118 10.52 -11.55 4.06
N GLY A 119 9.25 -11.24 4.31
CA GLY A 119 8.72 -11.15 5.65
C GLY A 119 8.78 -12.45 6.43
N GLU A 120 8.56 -13.55 5.74
CA GLU A 120 8.54 -14.86 6.38
C GLU A 120 9.93 -15.30 6.79
N SER A 121 10.94 -14.92 6.02
CA SER A 121 12.29 -15.41 6.26
C SER A 121 13.36 -14.34 6.13
N MET A 122 14.48 -14.55 6.81
CA MET A 122 15.55 -13.57 6.82
C MET A 122 15.05 -12.22 7.33
N GLY A 125 13.68 -10.09 7.54
CA GLY A 125 12.46 -9.91 6.78
C GLY A 125 11.28 -9.57 7.67
N PHE A 126 10.43 -8.65 7.23
CA PHE A 126 9.25 -8.25 7.99
C PHE A 126 8.07 -8.00 7.08
N GLN A 127 6.86 -8.10 7.63
CA GLN A 127 5.64 -7.88 6.86
C GLN A 127 5.22 -6.44 7.00
N PHE A 128 4.58 -5.90 5.96
CA PHE A 128 4.29 -4.48 5.90
C PHE A 128 3.09 -4.12 6.77
N SER A 129 3.28 -3.08 7.56
CA SER A 129 2.24 -2.59 8.45
C SER A 129 1.73 -1.25 7.96
N TYR A 130 0.41 -1.06 8.04
CA TYR A 130 -0.25 0.13 7.50
C TYR A 130 -0.96 1.00 8.52
N GLY A 131 -0.63 2.28 8.48
CA GLY A 131 -1.25 3.29 9.34
C GLY A 131 -0.42 3.80 10.49
N ASN A 132 -1.12 4.29 11.52
CA ASN A 132 -0.51 4.92 12.67
C ASN A 132 0.24 3.92 13.52
N PRO A 133 1.48 4.23 13.85
CA PRO A 133 2.25 3.34 14.68
C PRO A 133 1.59 3.30 16.05
N GLU A 134 1.16 4.46 16.51
CA GLU A 134 0.61 4.68 17.84
C GLU A 134 -0.59 3.78 18.19
N LEU A 135 -1.52 3.62 17.26
CA LEU A 135 -2.75 2.90 17.57
C LEU A 135 -2.53 1.40 17.65
N PRO A 136 -3.29 0.71 18.51
CA PRO A 136 -3.16 -0.73 18.70
C PRO A 136 -3.54 -1.54 17.47
N GLU A 137 -3.13 -2.80 17.43
CA GLU A 137 -3.39 -3.66 16.27
C GLU A 137 -4.89 -3.74 16.01
N ASP A 138 -5.60 -4.20 17.02
CA ASP A 138 -7.08 -4.31 16.95
C ASP A 138 -7.75 -3.06 16.45
N VAL A 139 -7.16 -1.90 16.60
CA VAL A 139 -7.78 -0.65 16.14
C VAL A 139 -7.36 -0.38 14.73
N LEU A 140 -6.07 -0.46 14.45
CA LEU A 140 -5.59 -0.30 13.08
C LEU A 140 -6.27 -1.36 12.17
N ASP A 141 -6.60 -2.54 12.71
CA ASP A 141 -7.35 -3.59 11.97
C ASP A 141 -8.73 -3.15 11.50
N VAL A 142 -9.48 -2.56 12.41
CA VAL A 142 -10.90 -2.29 12.21
C VAL A 142 -11.14 -1.05 11.36
N GLN A 143 -10.31 -0.03 11.52
CA GLN A 143 -10.46 1.14 10.67
C GLN A 143 -10.10 0.70 9.28
N LEU A 144 -9.02 -0.08 9.16
CA LEU A 144 -8.58 -0.57 7.86
C LEU A 144 -9.66 -1.49 7.34
N ALA A 145 -10.22 -2.30 8.23
CA ALA A 145 -11.20 -3.29 7.84
C ALA A 145 -12.41 -2.67 7.17
N PHE A 146 -12.93 -1.58 7.75
CA PHE A 146 -14.08 -0.87 7.19
C PHE A 146 -13.77 -0.31 5.83
N LEU A 147 -12.65 0.39 5.74
CA LEU A 147 -12.32 1.03 4.48
C LEU A 147 -12.19 -0.13 3.52
N ARG A 148 -11.37 -1.09 3.92
CA ARG A 148 -11.04 -2.24 3.07
C ARG A 148 -12.27 -3.08 2.71
N LEU A 149 -13.12 -3.32 3.70
CA LEU A 149 -14.39 -4.00 3.45
C LEU A 149 -15.37 -3.18 2.60
N LEU A 150 -15.45 -1.87 2.87
CA LEU A 150 -16.54 -1.04 2.35
C LEU A 150 -16.24 -0.02 1.23
N SER A 151 -15.02 0.01 0.69
CA SER A 151 -14.68 0.99 -0.35
C SER A 151 -15.15 0.51 -1.73
N SER A 152 -15.33 1.42 -2.68
CA SER A 152 -15.70 1.04 -4.06
C SER A 152 -14.66 0.14 -4.75
N ARG A 153 -13.39 0.52 -4.61
CA ARG A 153 -12.26 -0.25 -5.15
C ARG A 153 -10.99 0.15 -4.36
N ALA A 154 -9.94 -0.65 -4.45
CA ALA A 154 -8.66 -0.28 -3.87
C ALA A 154 -7.57 -0.52 -4.88
N SER A 155 -6.45 0.15 -4.69
CA SER A 155 -5.29 -0.02 -5.55
C SER A 155 -4.03 0.21 -4.73
N GLN A 156 -2.95 -0.44 -5.11
CA GLN A 156 -1.68 -0.23 -4.43
C GLN A 156 -0.50 -0.41 -5.38
N GLN A 157 0.51 0.42 -5.20
CA GLN A 157 1.69 0.36 -6.04
C GLN A 157 2.91 -0.03 -5.23
N ILE A 158 3.81 -0.79 -5.83
CA ILE A 158 5.01 -1.24 -5.14
C ILE A 158 6.20 -1.32 -6.08
N THR A 159 7.34 -0.80 -5.62
CA THR A 159 8.56 -0.79 -6.41
C THR A 159 9.55 -1.82 -5.92
N TYR A 160 10.20 -2.51 -6.86
CA TYR A 160 11.31 -3.41 -6.60
C TYR A 160 12.59 -2.84 -7.18
N HIS A 161 13.47 -2.33 -6.33
CA HIS A 161 14.80 -1.87 -6.76
C HIS A 161 15.61 -3.10 -6.99
N CYS A 162 16.41 -3.09 -8.05
CA CYS A 162 17.24 -4.21 -8.38
C CYS A 162 18.67 -3.89 -8.87
N LYS A 163 19.60 -4.79 -8.53
CA LYS A 163 20.89 -4.95 -9.20
C LYS A 163 21.05 -6.48 -9.55
N ASN A 164 21.33 -6.79 -10.82
CA ASN A 164 21.54 -8.18 -11.24
C ASN A 164 20.41 -9.09 -10.79
N SER A 165 19.17 -8.63 -10.99
CA SER A 165 17.99 -9.32 -10.47
C SER A 165 16.69 -9.06 -11.27
N ILE A 166 16.17 -10.10 -11.91
CA ILE A 166 14.95 -10.04 -12.74
C ILE A 166 13.69 -9.95 -11.89
N ALA A 167 12.99 -8.83 -12.05
CA ALA A 167 11.70 -8.58 -11.42
C ALA A 167 10.57 -9.37 -12.06
N TYR A 168 10.38 -9.19 -13.36
CA TYR A 168 9.17 -9.64 -14.05
C TYR A 168 9.49 -10.31 -15.35
N MET A 169 9.94 -9.50 -16.30
CA MET A 169 10.35 -10.00 -17.62
C MET A 169 11.84 -10.27 -17.70
N ASP A 170 12.17 -11.50 -18.07
CA ASP A 170 13.54 -11.89 -18.36
C ASP A 170 13.83 -11.55 -19.81
N GLN A 171 14.84 -10.70 -20.02
CA GLN A 171 15.17 -10.24 -21.37
C GLN A 171 15.44 -11.44 -22.28
N ALA A 172 16.34 -12.32 -21.83
CA ALA A 172 16.86 -13.46 -22.61
C ALA A 172 15.83 -14.55 -22.94
N SER A 173 14.90 -14.80 -22.02
CA SER A 173 13.81 -15.76 -22.25
C SER A 173 12.59 -15.09 -22.86
N GLY A 174 12.45 -13.80 -22.60
CA GLY A 174 11.24 -13.07 -22.95
C GLY A 174 10.10 -13.67 -22.15
N ASN A 175 10.40 -14.06 -20.92
CA ASN A 175 9.45 -14.78 -20.09
C ASN A 175 9.29 -14.17 -18.71
N VAL A 176 8.17 -14.49 -18.08
CA VAL A 176 7.87 -14.00 -16.74
C VAL A 176 8.07 -15.07 -15.68
N LYS A 177 8.69 -16.18 -16.06
CA LYS A 177 8.82 -17.30 -15.17
C LYS A 177 9.50 -16.83 -13.91
N LYS A 178 10.48 -15.95 -14.10
CA LYS A 178 11.25 -15.39 -13.01
C LYS A 178 10.44 -14.40 -12.19
N ALA A 179 9.30 -13.98 -12.72
CA ALA A 179 8.59 -12.90 -12.10
C ALA A 179 8.42 -13.25 -10.62
N LEU A 180 8.32 -12.22 -9.79
CA LEU A 180 8.08 -12.36 -8.36
C LEU A 180 6.60 -12.56 -8.01
N LYS A 181 6.32 -12.56 -6.71
CA LYS A 181 4.96 -12.69 -6.20
C LYS A 181 4.71 -11.66 -5.12
N LEU A 182 3.45 -11.47 -4.76
CA LEU A 182 3.06 -10.57 -3.69
C LEU A 182 1.88 -11.19 -2.99
N MET A 183 1.82 -11.03 -1.67
CA MET A 183 0.73 -11.60 -0.87
C MET A 183 -0.32 -10.55 -0.54
N GLY A 184 -1.38 -10.51 -1.34
CA GLY A 184 -2.46 -9.56 -1.14
C GLY A 184 -3.16 -9.74 0.19
N SER A 185 -3.39 -10.99 0.56
CA SER A 185 -4.06 -11.29 1.83
C SER A 185 -5.35 -12.09 1.59
N GLY A 188 -4.48 -14.34 -0.20
CA GLY A 188 -4.44 -14.21 -1.66
C GLY A 188 -3.05 -13.90 -2.19
N GLU A 189 -2.72 -14.40 -3.38
CA GLU A 189 -1.40 -14.20 -3.98
C GLU A 189 -1.50 -13.49 -5.31
N PHE A 190 -0.65 -12.50 -5.53
CA PHE A 190 -0.65 -11.75 -6.79
C PHE A 190 0.58 -12.13 -7.56
N LYS A 191 0.35 -12.68 -8.75
CA LYS A 191 1.42 -13.21 -9.59
C LYS A 191 1.35 -12.56 -10.97
N ALA A 192 2.39 -12.75 -11.77
CA ALA A 192 2.43 -12.20 -13.12
C ALA A 192 1.39 -12.85 -14.05
N GLU A 193 1.13 -14.13 -13.80
CA GLU A 193 0.29 -14.97 -14.63
C GLU A 193 -0.43 -15.98 -13.74
N GLY A 194 -1.58 -16.46 -14.20
CA GLY A 194 -2.46 -17.25 -13.35
C GLY A 194 -3.85 -16.71 -13.54
N ASN A 195 -4.75 -16.99 -12.62
CA ASN A 195 -6.10 -16.48 -12.75
C ASN A 195 -5.99 -15.00 -12.94
N SER A 196 -6.72 -14.46 -13.89
CA SER A 196 -6.60 -13.06 -14.25
C SER A 196 -6.96 -12.17 -13.08
N LYS A 197 -8.05 -12.52 -12.40
CA LYS A 197 -8.51 -11.71 -11.29
C LYS A 197 -7.42 -11.46 -10.21
N PHE A 198 -6.36 -12.28 -10.22
CA PHE A 198 -5.27 -12.23 -9.22
C PHE A 198 -3.88 -11.93 -9.78
N THR A 199 -3.86 -11.36 -10.98
CA THR A 199 -2.59 -10.98 -11.60
C THR A 199 -2.36 -9.50 -11.44
N TYR A 200 -1.20 -9.17 -10.88
CA TYR A 200 -0.73 -7.80 -10.87
C TYR A 200 -0.39 -7.36 -12.29
N THR A 201 -0.40 -6.06 -12.50
CA THR A 201 0.07 -5.46 -13.73
C THR A 201 1.40 -4.78 -13.44
N VAL A 202 2.24 -4.64 -14.44
CA VAL A 202 3.51 -3.93 -14.30
C VAL A 202 3.40 -2.58 -14.98
N LEU A 203 3.90 -1.55 -14.29
CA LEU A 203 3.81 -0.18 -14.77
C LEU A 203 5.10 0.28 -15.45
N GLU A 204 6.23 -0.27 -15.00
CA GLU A 204 7.49 -0.15 -15.73
C GLU A 204 8.40 -1.34 -15.39
N ASP A 205 9.33 -1.69 -16.27
CA ASP A 205 10.16 -2.85 -15.97
C ASP A 205 11.63 -2.64 -16.26
N GLY A 206 12.31 -1.93 -15.38
CA GLY A 206 13.74 -1.71 -15.44
C GLY A 206 14.58 -2.95 -15.27
N CYS A 207 14.18 -3.81 -14.33
CA CYS A 207 14.97 -4.99 -13.95
C CYS A 207 14.64 -6.16 -14.88
N THR A 208 15.12 -6.09 -16.12
CA THR A 208 14.92 -7.20 -17.05
C THR A 208 16.23 -7.78 -17.56
N LYS A 209 17.34 -7.08 -17.31
CA LYS A 209 18.66 -7.52 -17.76
C LYS A 209 19.57 -7.54 -16.54
N HIS A 210 20.52 -8.46 -16.53
CA HIS A 210 21.28 -8.67 -15.30
C HIS A 210 22.27 -7.59 -14.96
N THR A 211 22.92 -7.05 -15.99
CA THR A 211 24.18 -6.30 -15.81
C THR A 211 24.11 -4.98 -15.02
N GLY A 212 25.13 -4.74 -14.20
CA GLY A 212 25.20 -3.58 -13.33
C GLY A 212 24.11 -2.63 -13.76
N TRP A 214 21.46 -2.11 -10.96
CA TRP A 214 20.54 -1.63 -9.96
C TRP A 214 19.50 -0.72 -10.56
N SER A 215 18.38 -1.33 -10.94
CA SER A 215 17.24 -0.70 -11.62
C SER A 215 15.89 -1.10 -11.02
N LYS A 216 14.89 -0.24 -11.25
CA LYS A 216 13.57 -0.33 -10.63
C LYS A 216 12.45 -0.89 -11.53
N THR A 217 11.66 -1.82 -10.98
CA THR A 217 10.40 -2.26 -11.59
C THR A 217 9.26 -1.78 -10.69
N VAL A 218 8.11 -1.44 -11.30
CA VAL A 218 6.92 -0.98 -10.55
C VAL A 218 5.73 -1.88 -10.84
N PHE A 219 5.14 -2.42 -9.78
CA PHE A 219 3.97 -3.30 -9.90
C PHE A 219 2.72 -2.60 -9.41
N GLU A 220 1.55 -3.15 -9.76
CA GLU A 220 0.30 -2.62 -9.28
C GLU A 220 -0.84 -3.63 -9.21
N TYR A 221 -1.55 -3.60 -8.09
CA TYR A 221 -2.79 -4.33 -7.99
C TYR A 221 -3.97 -3.42 -7.74
N ARG A 222 -5.01 -3.62 -8.54
CA ARG A 222 -6.23 -2.84 -8.49
C ARG A 222 -7.41 -3.77 -8.65
N THR A 223 -8.42 -3.53 -7.82
CA THR A 223 -9.54 -4.45 -7.68
C THR A 223 -10.79 -3.75 -7.19
N ARG A 224 -11.93 -4.42 -7.32
CA ARG A 224 -13.18 -4.00 -6.72
C ARG A 224 -13.45 -4.75 -5.43
N LYS A 225 -12.77 -5.88 -5.23
CA LYS A 225 -12.81 -6.56 -3.93
C LYS A 225 -11.62 -6.08 -3.07
N ALA A 226 -11.79 -4.91 -2.45
CA ALA A 226 -10.75 -4.28 -1.63
C ALA A 226 -10.20 -5.21 -0.55
N VAL A 227 -11.04 -6.09 -0.01
CA VAL A 227 -10.67 -7.07 1.01
C VAL A 227 -9.32 -7.71 0.68
N ARG A 228 -8.99 -7.74 -0.61
CA ARG A 228 -7.78 -8.36 -1.12
C ARG A 228 -6.49 -7.59 -0.81
N LEU A 229 -6.62 -6.30 -0.53
CA LEU A 229 -5.49 -5.43 -0.23
C LEU A 229 -5.48 -5.04 1.25
N PRO A 230 -4.32 -4.60 1.78
CA PRO A 230 -3.08 -4.27 1.09
C PRO A 230 -2.12 -5.42 0.97
N ILE A 231 -1.03 -5.13 0.27
CA ILE A 231 0.12 -6.00 0.14
C ILE A 231 0.92 -6.01 1.43
N VAL A 232 1.06 -7.21 1.96
CA VAL A 232 1.69 -7.41 3.25
C VAL A 232 3.04 -8.09 3.11
N ASP A 233 3.23 -8.86 2.04
CA ASP A 233 4.46 -9.64 1.81
C ASP A 233 4.82 -9.78 0.33
N ILE A 234 6.12 -9.97 0.07
CA ILE A 234 6.69 -10.04 -1.29
C ILE A 234 7.68 -11.21 -1.46
N ALA A 235 7.65 -11.84 -2.64
CA ALA A 235 8.44 -13.07 -2.91
C ALA A 235 9.25 -13.05 -4.21
N PRO A 236 10.53 -12.64 -4.15
CA PRO A 236 11.32 -12.66 -5.38
C PRO A 236 11.84 -14.04 -5.79
N TYR A 237 11.51 -14.47 -7.00
CA TYR A 237 12.00 -15.75 -7.55
C TYR A 237 13.50 -15.77 -7.83
N ASP A 238 14.04 -14.73 -8.44
CA ASP A 238 15.45 -14.72 -8.73
C ASP A 238 16.18 -13.95 -7.66
N ILE A 239 16.84 -14.65 -6.75
CA ILE A 239 17.47 -13.99 -5.60
C ILE A 239 18.60 -14.79 -4.97
N GLY A 240 19.42 -14.11 -4.18
CA GLY A 240 20.49 -14.76 -3.44
C GLY A 240 21.77 -14.99 -4.20
N GLY A 241 21.85 -14.50 -5.43
CA GLY A 241 23.08 -14.61 -6.19
C GLY A 241 24.08 -13.75 -5.46
N PRO A 242 25.35 -14.13 -5.49
CA PRO A 242 26.35 -13.35 -4.78
C PRO A 242 26.30 -11.96 -5.40
N ASP A 243 26.12 -11.94 -6.72
CA ASP A 243 25.92 -10.73 -7.45
C ASP A 243 24.64 -10.01 -7.03
N GLN A 244 23.61 -10.78 -6.75
CA GLN A 244 22.24 -10.27 -6.60
C GLN A 244 21.89 -9.39 -5.38
N GLU A 245 21.46 -8.15 -5.62
CA GLU A 245 21.02 -7.25 -4.54
C GLU A 245 19.72 -6.50 -4.87
N PHE A 246 18.90 -6.25 -3.85
CA PHE A 246 17.60 -5.58 -4.04
C PHE A 246 17.12 -4.75 -2.84
N GLY A 247 16.31 -3.74 -3.15
CA GLY A 247 15.55 -3.00 -2.14
C GLY A 247 14.11 -2.90 -2.59
N VAL A 248 13.25 -2.36 -1.74
CA VAL A 248 11.84 -2.15 -2.02
C VAL A 248 11.53 -0.80 -1.37
N ASP A 249 10.51 -0.14 -1.89
CA ASP A 249 9.78 0.92 -1.21
C ASP A 249 8.30 0.58 -1.44
N VAL A 250 7.46 0.76 -0.44
CA VAL A 250 6.09 0.30 -0.53
C VAL A 250 5.14 1.49 -0.66
N GLY A 251 4.50 1.64 -1.81
CA GLY A 251 3.50 2.70 -1.99
C GLY A 251 2.24 2.46 -1.18
N PRO A 252 1.48 3.55 -0.91
CA PRO A 252 0.28 3.45 -0.08
C PRO A 252 -0.82 2.60 -0.69
N VAL A 253 -1.65 2.03 0.18
CA VAL A 253 -2.85 1.33 -0.26
C VAL A 253 -4.00 2.33 -0.34
N CYS A 254 -4.57 2.46 -1.54
CA CYS A 254 -5.48 3.55 -1.78
C CYS A 254 -6.88 3.05 -2.00
N PHE A 255 -7.79 3.58 -1.18
CA PHE A 255 -9.20 3.18 -1.22
C PHE A 255 -10.04 4.27 -1.83
N LEU A 256 -11.00 3.86 -2.66
CA LEU A 256 -11.95 4.78 -3.27
C LEU A 256 -13.38 4.25 -3.15
CA CA B . -13.11 5.98 15.53
#